data_9DTC
#
_entry.id   9DTC
#
_cell.length_a   57.426
_cell.length_b   79.749
_cell.length_c   91.982
_cell.angle_alpha   90.00
_cell.angle_beta   90.00
_cell.angle_gamma   90.00
#
_symmetry.space_group_name_H-M   'P 21 21 21'
#
loop_
_entity.id
_entity.type
_entity.pdbx_description
1 polymer 'ADP-ribose pyrophosphatase'
2 non-polymer '[(2R,3S,4R,5R)-5-(6-AMINOPURIN-9-YL)-3,4-DIHYDROXY-OXOLAN-2-YL]METHYL [HYDROXY-[[(2R,3S,4R,5S)-3,4,5-TRIHYDROXYOXOLAN-2-YL]METHOXY]PHOSPHORYL] HYDROGEN PHOSPHATE'
3 non-polymer 'ADENOSINE MONOPHOSPHATE'
4 non-polymer 'MAGNESIUM ION'
5 water water
#
_entity_poly.entity_id   1
_entity_poly.type   'polypeptide(L)'
_entity_poly.pdbx_seq_one_letter_code
;MAHHHHHHMSKPTQQGITFSKNDVEIIARETLYRGFFSLDLYRFRHRLFNGGMSGEITREIFERGHAAVLLPFDPVRDEV
VLVEQIRIAAYDTSESPWLLEMVAGMIEAGETVEDVARREALEEAGLEVGRTKPILSYLASPGGTSERLSILVGEVDAST
AKGIHGLAEENEDIRVHVVSREQAYQWVEEGKIDNAASVIALQWLQLHYHNLRNEWTK
;
_entity_poly.pdbx_strand_id   A,B
#
loop_
_chem_comp.id
_chem_comp.type
_chem_comp.name
_chem_comp.formula
AMP non-polymer 'ADENOSINE MONOPHOSPHATE' 'C10 H14 N5 O7 P'
AR6 non-polymer '[(2R,3S,4R,5R)-5-(6-AMINOPURIN-9-YL)-3,4-DIHYDROXY-OXOLAN-2-YL]METHYL [HYDROXY-[[(2R,3S,4R,5S)-3,4,5-TRIHYDROXYOXOLAN-2-YL]METHOXY]PHOSPHORYL] HYDROGEN PHOSPHATE' 'C15 H23 N5 O14 P2'
MG non-polymer 'MAGNESIUM ION' 'Mg 2'
#
# COMPACT_ATOMS: atom_id res chain seq x y z
N GLN A 15 2.80 -12.07 23.56
CA GLN A 15 3.57 -11.13 22.74
C GLN A 15 2.70 -10.33 21.80
N GLY A 16 3.33 -9.63 20.87
CA GLY A 16 2.66 -8.69 20.01
C GLY A 16 2.83 -7.26 20.48
N ILE A 17 1.88 -6.42 20.05
CA ILE A 17 1.95 -5.00 20.37
C ILE A 17 1.78 -4.77 21.86
N THR A 18 2.27 -3.61 22.29
CA THR A 18 2.47 -3.30 23.69
C THR A 18 1.32 -2.50 24.30
N PHE A 19 0.70 -1.61 23.51
CA PHE A 19 -0.24 -0.64 24.01
C PHE A 19 -1.53 -0.69 23.19
N SER A 20 -2.60 -0.21 23.82
CA SER A 20 -3.95 -0.23 23.29
C SER A 20 -4.49 1.19 23.20
N LYS A 21 -5.78 1.32 22.84
CA LYS A 21 -6.41 2.62 22.74
C LYS A 21 -6.46 3.33 24.10
N ASN A 22 -6.47 2.57 25.19
CA ASN A 22 -6.45 3.17 26.52
C ASN A 22 -5.17 3.95 26.78
N ASP A 23 -4.14 3.73 25.97
CA ASP A 23 -2.82 4.27 26.20
C ASP A 23 -2.53 5.50 25.37
N VAL A 24 -3.52 6.01 24.65
CA VAL A 24 -3.38 7.22 23.86
C VAL A 24 -4.59 8.10 24.14
N GLU A 25 -4.36 9.41 24.22
CA GLU A 25 -5.42 10.39 24.38
C GLU A 25 -5.37 11.32 23.17
N ILE A 26 -6.43 11.31 22.37
CA ILE A 26 -6.55 12.23 21.26
C ILE A 26 -7.20 13.48 21.83
N ILE A 27 -6.41 14.54 21.95
CA ILE A 27 -6.89 15.74 22.63
C ILE A 27 -7.86 16.50 21.74
N ALA A 28 -7.56 16.55 20.45
CA ALA A 28 -8.42 17.25 19.50
C ALA A 28 -8.02 16.84 18.09
N ARG A 29 -8.98 16.99 17.19
CA ARG A 29 -8.72 16.97 15.77
C ARG A 29 -9.16 18.29 15.18
N GLU A 30 -8.50 18.69 14.09
CA GLU A 30 -8.78 19.95 13.40
CA GLU A 30 -8.74 19.96 13.41
C GLU A 30 -8.69 19.73 11.91
N THR A 31 -9.75 20.11 11.18
CA THR A 31 -9.70 19.99 9.73
C THR A 31 -9.01 21.23 9.17
N LEU A 32 -7.84 21.01 8.54
CA LEU A 32 -7.00 22.07 7.98
C LEU A 32 -7.38 22.43 6.55
N TYR A 33 -7.94 21.47 5.81
CA TYR A 33 -8.40 21.70 4.45
C TYR A 33 -9.54 20.72 4.23
N ARG A 34 -10.62 21.20 3.60
CA ARG A 34 -11.70 20.33 3.17
C ARG A 34 -12.12 20.67 1.75
N GLY A 35 -12.06 19.68 0.88
CA GLY A 35 -12.53 19.80 -0.48
C GLY A 35 -13.18 18.49 -0.85
N PHE A 36 -12.67 17.82 -1.88
CA PHE A 36 -13.15 16.47 -2.13
C PHE A 36 -12.66 15.51 -1.05
N PHE A 37 -11.40 15.66 -0.64
CA PHE A 37 -10.84 14.97 0.51
C PHE A 37 -10.56 16.00 1.61
N SER A 38 -9.97 15.56 2.72
CA SER A 38 -9.66 16.44 3.82
CA SER A 38 -9.63 16.48 3.78
C SER A 38 -8.24 16.18 4.31
N LEU A 39 -7.65 17.20 4.93
CA LEU A 39 -6.40 17.08 5.65
C LEU A 39 -6.69 17.51 7.08
N ASP A 40 -6.52 16.57 8.01
CA ASP A 40 -6.80 16.78 9.42
C ASP A 40 -5.51 16.84 10.23
N LEU A 41 -5.53 17.64 11.27
CA LEU A 41 -4.44 17.67 12.24
C LEU A 41 -4.93 16.92 13.47
N TYR A 42 -4.29 15.80 13.79
CA TYR A 42 -4.54 15.11 15.05
C TYR A 42 -3.57 15.62 16.09
N ARG A 43 -4.07 15.93 17.28
CA ARG A 43 -3.26 16.33 18.43
CA ARG A 43 -3.22 16.30 18.41
C ARG A 43 -3.48 15.30 19.53
N PHE A 44 -2.39 14.71 20.04
CA PHE A 44 -2.54 13.58 20.96
C PHE A 44 -1.32 13.44 21.86
N ARG A 45 -1.50 12.64 22.91
CA ARG A 45 -0.42 12.19 23.77
C ARG A 45 -0.54 10.67 23.92
N HIS A 46 0.59 10.00 24.16
CA HIS A 46 0.57 8.55 24.19
C HIS A 46 1.64 7.99 25.13
N ARG A 47 1.40 6.78 25.62
CA ARG A 47 2.37 6.07 26.45
C ARG A 47 3.69 5.83 25.71
N LEU A 48 4.79 5.89 26.47
CA LEU A 48 6.13 5.63 26.01
C LEU A 48 6.57 4.25 26.47
N PHE A 49 7.38 3.57 25.65
CA PHE A 49 7.82 2.21 26.00
C PHE A 49 8.60 2.18 27.31
N ASN A 50 9.43 3.19 27.57
CA ASN A 50 10.25 3.22 28.78
C ASN A 50 9.50 3.76 29.98
N GLY A 51 8.21 4.04 29.84
CA GLY A 51 7.40 4.54 30.92
C GLY A 51 7.03 6.01 30.73
N GLY A 52 5.86 6.37 31.25
CA GLY A 52 5.42 7.75 31.21
C GLY A 52 4.65 8.05 29.95
N MET A 53 4.15 9.28 29.89
CA MET A 53 3.40 9.78 28.74
C MET A 53 4.24 10.78 27.96
N SER A 54 4.04 10.78 26.64
CA SER A 54 4.62 11.79 25.80
C SER A 54 3.98 13.15 26.09
N GLY A 55 4.63 14.21 25.61
CA GLY A 55 3.96 15.49 25.51
C GLY A 55 2.99 15.46 24.35
N GLU A 56 2.40 16.62 24.10
CA GLU A 56 1.46 16.75 23.00
C GLU A 56 2.19 16.70 21.66
N ILE A 57 1.68 15.87 20.77
CA ILE A 57 2.23 15.60 19.44
C ILE A 57 1.13 15.96 18.45
N THR A 58 1.52 16.48 17.28
CA THR A 58 0.57 16.74 16.22
C THR A 58 1.03 16.07 14.94
N ARG A 59 0.08 15.54 14.17
CA ARG A 59 0.37 14.90 12.89
C ARG A 59 -0.68 15.32 11.88
N GLU A 60 -0.22 15.65 10.66
CA GLU A 60 -1.10 15.90 9.53
C GLU A 60 -1.50 14.60 8.87
N ILE A 61 -2.81 14.37 8.72
CA ILE A 61 -3.33 13.09 8.24
C ILE A 61 -4.28 13.34 7.08
N PHE A 62 -4.00 12.71 5.95
CA PHE A 62 -4.85 12.75 4.77
C PHE A 62 -6.03 11.79 4.97
N GLU A 63 -7.23 12.36 4.94
CA GLU A 63 -8.49 11.65 5.19
C GLU A 63 -9.28 11.58 3.88
N ARG A 64 -9.42 10.38 3.36
CA ARG A 64 -10.12 10.17 2.10
C ARG A 64 -11.07 8.98 2.16
N GLY A 65 -11.50 8.58 3.35
CA GLY A 65 -12.29 7.38 3.47
C GLY A 65 -11.49 6.11 3.19
N HIS A 66 -12.25 5.04 2.98
CA HIS A 66 -11.72 3.69 2.86
C HIS A 66 -12.28 3.02 1.63
N ALA A 67 -11.60 1.96 1.18
CA ALA A 67 -11.90 1.37 -0.11
C ALA A 67 -12.07 -0.14 -0.04
N ALA A 68 -12.79 -0.66 -1.04
CA ALA A 68 -12.89 -2.08 -1.33
C ALA A 68 -12.15 -2.37 -2.64
N VAL A 69 -11.46 -3.51 -2.67
CA VAL A 69 -10.65 -3.91 -3.81
C VAL A 69 -11.05 -5.33 -4.18
N LEU A 70 -11.17 -5.62 -5.49
CA LEU A 70 -11.53 -6.94 -5.97
CA LEU A 70 -11.51 -6.96 -5.94
C LEU A 70 -10.47 -7.43 -6.94
N LEU A 71 -9.84 -8.56 -6.62
CA LEU A 71 -8.98 -9.27 -7.55
C LEU A 71 -9.87 -10.21 -8.37
N PRO A 72 -10.08 -9.95 -9.66
CA PRO A 72 -10.94 -10.85 -10.44
C PRO A 72 -10.12 -12.01 -10.98
N PHE A 73 -10.40 -13.22 -10.50
CA PHE A 73 -9.64 -14.42 -10.83
C PHE A 73 -10.57 -15.44 -11.46
N ASP A 74 -10.15 -15.97 -12.60
CA ASP A 74 -10.87 -17.06 -13.26
C ASP A 74 -10.17 -18.36 -12.91
N PRO A 75 -10.74 -19.20 -12.04
CA PRO A 75 -10.04 -20.42 -11.61
C PRO A 75 -10.02 -21.52 -12.65
N VAL A 76 -10.92 -21.45 -13.62
CA VAL A 76 -10.94 -22.42 -14.72
C VAL A 76 -9.74 -22.19 -15.62
N ARG A 77 -9.46 -20.92 -15.93
N ARG A 77 -9.46 -20.92 -15.94
CA ARG A 77 -8.43 -20.56 -16.91
CA ARG A 77 -8.43 -20.54 -16.89
C ARG A 77 -7.13 -20.11 -16.26
C ARG A 77 -7.11 -20.17 -16.25
N ASP A 78 -7.08 -19.97 -14.94
CA ASP A 78 -5.92 -19.43 -14.25
C ASP A 78 -5.54 -18.07 -14.82
N GLU A 79 -6.54 -17.19 -14.94
CA GLU A 79 -6.39 -15.86 -15.53
C GLU A 79 -6.87 -14.81 -14.55
N VAL A 80 -6.33 -13.59 -14.71
CA VAL A 80 -6.68 -12.41 -13.94
CA VAL A 80 -6.79 -12.45 -13.95
C VAL A 80 -7.19 -11.34 -14.90
N VAL A 81 -8.18 -10.57 -14.47
CA VAL A 81 -8.63 -9.41 -15.22
C VAL A 81 -8.05 -8.17 -14.54
N LEU A 82 -7.35 -7.35 -15.30
CA LEU A 82 -6.80 -6.09 -14.84
C LEU A 82 -7.58 -4.94 -15.46
N VAL A 83 -7.64 -3.81 -14.75
CA VAL A 83 -8.22 -2.60 -15.31
C VAL A 83 -7.15 -1.53 -15.44
N GLU A 84 -7.17 -0.82 -16.57
CA GLU A 84 -6.21 0.24 -16.87
C GLU A 84 -6.90 1.59 -16.83
N GLN A 85 -6.31 2.55 -16.12
CA GLN A 85 -6.81 3.91 -16.12
C GLN A 85 -5.68 4.83 -15.68
N ILE A 86 -5.83 6.11 -16.02
CA ILE A 86 -4.85 7.12 -15.61
C ILE A 86 -4.98 7.40 -14.12
N ARG A 87 -3.82 7.52 -13.47
CA ARG A 87 -3.68 7.92 -12.06
C ARG A 87 -2.65 9.04 -12.09
N ILE A 88 -3.11 10.30 -12.15
CA ILE A 88 -2.17 11.38 -12.40
C ILE A 88 -1.11 11.47 -11.30
N ALA A 89 -1.43 11.03 -10.08
CA ALA A 89 -0.45 11.08 -9.00
C ALA A 89 0.76 10.22 -9.27
N ALA A 90 0.65 9.23 -10.15
CA ALA A 90 1.80 8.40 -10.50
C ALA A 90 2.80 9.10 -11.41
N TYR A 91 2.42 10.25 -11.98
CA TYR A 91 3.17 10.84 -13.08
C TYR A 91 4.64 11.09 -12.71
N ASP A 92 4.87 11.71 -11.56
CA ASP A 92 6.21 12.21 -11.25
C ASP A 92 7.21 11.09 -10.98
N THR A 93 6.77 9.87 -10.69
CA THR A 93 7.70 8.79 -10.35
C THR A 93 7.55 7.56 -11.24
N SER A 94 6.80 7.65 -12.34
CA SER A 94 6.49 6.51 -13.18
C SER A 94 6.70 6.89 -14.65
N GLU A 95 6.97 5.89 -15.49
CA GLU A 95 7.17 6.20 -16.91
C GLU A 95 5.86 6.63 -17.56
N SER A 96 4.75 6.05 -17.14
CA SER A 96 3.42 6.48 -17.57
C SER A 96 2.45 6.52 -16.40
N PRO A 97 1.53 7.50 -16.36
CA PRO A 97 0.51 7.51 -15.30
C PRO A 97 -0.64 6.55 -15.53
N TRP A 98 -0.73 5.87 -16.67
CA TRP A 98 -1.76 4.85 -16.82
C TRP A 98 -1.26 3.59 -16.14
N LEU A 99 -2.04 3.07 -15.20
CA LEU A 99 -1.62 1.93 -14.38
C LEU A 99 -2.53 0.74 -14.66
N LEU A 100 -1.98 -0.46 -14.46
CA LEU A 100 -2.74 -1.71 -14.46
C LEU A 100 -3.07 -2.04 -13.00
N GLU A 101 -4.38 -2.21 -12.71
CA GLU A 101 -4.85 -2.25 -11.33
C GLU A 101 -5.97 -3.25 -11.13
N MET A 102 -6.32 -3.43 -9.86
CA MET A 102 -7.49 -4.16 -9.42
C MET A 102 -8.73 -3.27 -9.50
N VAL A 103 -9.88 -3.92 -9.70
CA VAL A 103 -11.16 -3.25 -9.49
C VAL A 103 -11.20 -2.71 -8.07
N ALA A 104 -11.68 -1.47 -7.92
CA ALA A 104 -11.64 -0.87 -6.59
C ALA A 104 -12.52 0.37 -6.56
N GLY A 105 -13.07 0.65 -5.38
CA GLY A 105 -13.83 1.88 -5.20
C GLY A 105 -13.99 2.22 -3.73
N MET A 106 -14.41 3.46 -3.49
CA MET A 106 -14.60 3.93 -2.13
C MET A 106 -15.87 3.32 -1.54
N ILE A 107 -15.84 3.11 -0.23
CA ILE A 107 -16.98 2.60 0.52
C ILE A 107 -17.75 3.79 1.08
N GLU A 108 -19.01 3.90 0.69
CA GLU A 108 -19.91 4.91 1.22
C GLU A 108 -20.65 4.36 2.44
N ALA A 109 -21.19 5.27 3.26
CA ALA A 109 -21.79 4.87 4.52
C ALA A 109 -22.86 3.80 4.29
N GLY A 110 -22.83 2.77 5.16
CA GLY A 110 -23.79 1.70 5.11
C GLY A 110 -23.52 0.61 4.08
N GLU A 111 -22.50 0.78 3.24
CA GLU A 111 -22.14 -0.24 2.27
C GLU A 111 -21.14 -1.20 2.88
N THR A 112 -21.21 -2.46 2.47
CA THR A 112 -20.22 -3.46 2.87
C THR A 112 -19.13 -3.54 1.83
N VAL A 113 -17.99 -4.08 2.24
CA VAL A 113 -16.88 -4.33 1.32
C VAL A 113 -17.36 -5.14 0.12
N GLU A 114 -18.08 -6.22 0.40
CA GLU A 114 -18.53 -7.08 -0.69
C GLU A 114 -19.49 -6.35 -1.62
N ASP A 115 -20.42 -5.56 -1.06
CA ASP A 115 -21.34 -4.80 -1.90
C ASP A 115 -20.57 -3.92 -2.89
N VAL A 116 -19.57 -3.20 -2.39
CA VAL A 116 -18.83 -2.27 -3.23
C VAL A 116 -18.01 -3.02 -4.28
N ALA A 117 -17.34 -4.09 -3.87
CA ALA A 117 -16.52 -4.88 -4.79
C ALA A 117 -17.36 -5.40 -5.95
N ARG A 118 -18.56 -5.91 -5.67
CA ARG A 118 -19.38 -6.45 -6.75
C ARG A 118 -19.88 -5.34 -7.67
N ARG A 119 -20.27 -4.19 -7.11
CA ARG A 119 -20.73 -3.09 -7.94
C ARG A 119 -19.62 -2.56 -8.81
N GLU A 120 -18.42 -2.38 -8.24
CA GLU A 120 -17.33 -1.85 -9.04
C GLU A 120 -16.88 -2.83 -10.10
N ALA A 121 -16.98 -4.14 -9.85
CA ALA A 121 -16.58 -5.09 -10.88
C ALA A 121 -17.45 -4.94 -12.11
N LEU A 122 -18.74 -4.67 -11.91
CA LEU A 122 -19.65 -4.45 -13.02
C LEU A 122 -19.37 -3.12 -13.71
N GLU A 123 -19.22 -2.03 -12.94
CA GLU A 123 -19.03 -0.71 -13.51
C GLU A 123 -17.68 -0.57 -14.20
N GLU A 124 -16.63 -1.16 -13.64
CA GLU A 124 -15.29 -0.92 -14.12
C GLU A 124 -14.82 -1.93 -15.15
N ALA A 125 -15.39 -3.14 -15.17
CA ALA A 125 -14.90 -4.19 -16.04
C ALA A 125 -16.02 -4.99 -16.70
N GLY A 126 -17.28 -4.67 -16.46
CA GLY A 126 -18.39 -5.40 -17.02
C GLY A 126 -18.52 -6.80 -16.48
N LEU A 127 -18.00 -7.08 -15.28
CA LEU A 127 -17.86 -8.45 -14.79
C LEU A 127 -18.94 -8.81 -13.80
N GLU A 128 -19.61 -9.93 -14.06
CA GLU A 128 -20.38 -10.60 -13.02
C GLU A 128 -19.40 -11.40 -12.17
N VAL A 129 -19.65 -11.44 -10.87
CA VAL A 129 -18.78 -12.11 -9.91
C VAL A 129 -19.55 -13.23 -9.26
N GLY A 130 -18.93 -14.41 -9.18
CA GLY A 130 -19.53 -15.52 -8.48
C GLY A 130 -19.22 -15.49 -7.01
N ARG A 131 -18.46 -16.47 -6.54
CA ARG A 131 -18.05 -16.47 -5.15
C ARG A 131 -16.97 -15.40 -4.89
N THR A 132 -16.88 -14.99 -3.63
CA THR A 132 -15.80 -14.15 -3.14
C THR A 132 -15.21 -14.77 -1.89
N LYS A 133 -13.96 -14.43 -1.63
CA LYS A 133 -13.25 -14.78 -0.40
C LYS A 133 -12.42 -13.57 0.02
N PRO A 134 -12.27 -13.33 1.33
CA PRO A 134 -11.35 -12.26 1.74
C PRO A 134 -9.89 -12.62 1.48
N ILE A 135 -9.12 -11.62 1.09
CA ILE A 135 -7.66 -11.72 1.00
C ILE A 135 -7.08 -11.12 2.30
N LEU A 136 -7.03 -9.78 2.39
CA LEU A 136 -6.41 -9.07 3.49
C LEU A 136 -7.01 -7.66 3.49
N SER A 137 -6.93 -6.99 4.62
CA SER A 137 -7.32 -5.60 4.78
C SER A 137 -6.10 -4.87 5.31
N TYR A 138 -5.69 -3.80 4.62
CA TYR A 138 -4.42 -3.15 4.93
C TYR A 138 -4.55 -1.63 4.99
N LEU A 139 -3.65 -1.02 5.75
CA LEU A 139 -3.48 0.42 5.78
C LEU A 139 -2.48 0.81 4.69
N ALA A 140 -2.89 1.73 3.81
CA ALA A 140 -2.06 2.09 2.64
C ALA A 140 -0.73 2.71 3.03
N SER A 141 -0.72 3.61 4.01
CA SER A 141 0.48 4.36 4.37
C SER A 141 0.19 5.09 5.67
N PRO A 142 0.21 4.38 6.80
CA PRO A 142 -0.41 4.92 8.01
C PRO A 142 0.38 5.98 8.76
N GLY A 143 1.57 6.37 8.31
CA GLY A 143 2.22 7.54 8.87
C GLY A 143 1.57 8.83 8.45
N GLY A 144 0.86 8.83 7.33
CA GLY A 144 0.30 10.06 6.81
C GLY A 144 -1.13 10.02 6.30
N THR A 145 -1.74 8.83 6.20
CA THR A 145 -3.12 8.72 5.76
C THR A 145 -3.82 7.64 6.57
N SER A 146 -5.11 7.86 6.85
CA SER A 146 -5.89 6.86 7.54
C SER A 146 -6.40 5.74 6.64
N GLU A 147 -6.18 5.84 5.33
CA GLU A 147 -6.88 4.98 4.39
C GLU A 147 -6.62 3.50 4.65
N ARG A 148 -7.71 2.74 4.73
CA ARG A 148 -7.71 1.29 4.77
C ARG A 148 -8.37 0.76 3.52
N LEU A 149 -7.80 -0.31 2.96
CA LEU A 149 -8.35 -0.99 1.79
C LEU A 149 -8.56 -2.45 2.13
N SER A 150 -9.74 -2.96 1.82
CA SER A 150 -10.09 -4.35 2.10
C SER A 150 -10.23 -5.09 0.77
N ILE A 151 -9.38 -6.10 0.57
CA ILE A 151 -9.28 -6.85 -0.69
C ILE A 151 -10.06 -8.14 -0.56
N LEU A 152 -10.86 -8.44 -1.59
CA LEU A 152 -11.49 -9.73 -1.81
C LEU A 152 -10.95 -10.31 -3.12
N VAL A 153 -10.97 -11.63 -3.24
CA VAL A 153 -10.78 -12.28 -4.53
C VAL A 153 -12.16 -12.71 -5.02
N GLY A 154 -12.44 -12.48 -6.29
CA GLY A 154 -13.76 -12.75 -6.85
C GLY A 154 -13.69 -13.65 -8.06
N GLU A 155 -14.59 -14.62 -8.11
CA GLU A 155 -14.65 -15.61 -9.16
C GLU A 155 -15.28 -15.01 -10.40
N VAL A 156 -14.56 -15.01 -11.52
CA VAL A 156 -15.06 -14.45 -12.77
C VAL A 156 -14.79 -15.40 -13.94
N ASP A 157 -15.54 -15.16 -15.03
CA ASP A 157 -15.30 -15.80 -16.33
C ASP A 157 -14.51 -14.78 -17.13
N ALA A 158 -13.19 -14.99 -17.24
CA ALA A 158 -12.36 -14.02 -17.95
C ALA A 158 -12.63 -13.98 -19.45
N SER A 159 -13.27 -15.00 -20.02
CA SER A 159 -13.63 -14.96 -21.43
C SER A 159 -14.70 -13.89 -21.71
N THR A 160 -15.38 -13.39 -20.67
CA THR A 160 -16.38 -12.34 -20.81
C THR A 160 -15.81 -10.95 -20.57
N ALA A 161 -14.52 -10.83 -20.27
CA ALA A 161 -13.91 -9.56 -19.88
C ALA A 161 -13.31 -8.87 -21.10
N LYS A 162 -13.86 -7.72 -21.45
CA LYS A 162 -13.39 -6.99 -22.62
C LYS A 162 -13.94 -5.58 -22.58
N GLY A 163 -13.30 -4.72 -23.35
CA GLY A 163 -13.89 -3.42 -23.65
C GLY A 163 -13.49 -2.30 -22.72
N ILE A 164 -14.19 -1.18 -22.95
CA ILE A 164 -13.99 0.08 -22.26
C ILE A 164 -15.18 0.30 -21.33
N HIS A 165 -14.89 0.64 -20.09
CA HIS A 165 -15.91 0.82 -19.08
C HIS A 165 -15.56 2.06 -18.27
N GLY A 166 -16.10 2.13 -17.06
CA GLY A 166 -16.01 3.30 -16.24
C GLY A 166 -17.20 4.22 -16.44
N LEU A 167 -17.43 5.06 -15.43
CA LEU A 167 -18.52 6.04 -15.46
C LEU A 167 -18.00 7.34 -16.07
N ALA A 168 -18.42 7.62 -17.31
CA ALA A 168 -17.99 8.85 -17.96
C ALA A 168 -18.47 10.09 -17.21
N GLU A 169 -19.62 9.99 -16.55
CA GLU A 169 -20.10 11.13 -15.75
C GLU A 169 -19.10 11.53 -14.68
N GLU A 170 -18.24 10.61 -14.26
CA GLU A 170 -17.19 10.89 -13.29
C GLU A 170 -15.81 10.98 -13.92
N ASN A 171 -15.73 11.13 -15.25
CA ASN A 171 -14.44 11.18 -15.95
C ASN A 171 -13.58 9.96 -15.62
N GLU A 172 -14.22 8.80 -15.57
CA GLU A 172 -13.58 7.53 -15.24
C GLU A 172 -13.57 6.70 -16.50
N ASP A 173 -12.39 6.55 -17.11
CA ASP A 173 -12.20 5.90 -18.41
C ASP A 173 -11.31 4.68 -18.17
N ILE A 174 -11.84 3.48 -18.37
CA ILE A 174 -11.18 2.24 -17.93
C ILE A 174 -11.15 1.24 -19.08
N ARG A 175 -10.01 0.59 -19.28
CA ARG A 175 -9.86 -0.46 -20.27
C ARG A 175 -9.56 -1.79 -19.58
N VAL A 176 -10.20 -2.85 -20.04
CA VAL A 176 -10.03 -4.18 -19.46
C VAL A 176 -8.92 -4.92 -20.16
N HIS A 177 -8.12 -5.63 -19.39
CA HIS A 177 -7.09 -6.51 -19.91
C HIS A 177 -7.20 -7.86 -19.24
N VAL A 178 -7.01 -8.93 -20.01
CA VAL A 178 -6.98 -10.29 -19.45
C VAL A 178 -5.59 -10.84 -19.68
N VAL A 179 -4.98 -11.38 -18.62
CA VAL A 179 -3.67 -12.04 -18.73
C VAL A 179 -3.68 -13.28 -17.85
N SER A 180 -2.73 -14.16 -18.10
CA SER A 180 -2.52 -15.28 -17.20
C SER A 180 -2.10 -14.78 -15.83
N ARG A 181 -2.44 -15.55 -14.80
CA ARG A 181 -1.90 -15.27 -13.48
C ARG A 181 -0.39 -15.16 -13.54
N GLU A 182 0.26 -16.10 -14.24
CA GLU A 182 1.72 -16.07 -14.25
C GLU A 182 2.25 -14.79 -14.85
N GLN A 183 1.63 -14.31 -15.93
CA GLN A 183 2.05 -13.05 -16.54
C GLN A 183 1.82 -11.88 -15.59
N ALA A 184 0.66 -11.82 -14.94
CA ALA A 184 0.41 -10.74 -14.00
C ALA A 184 1.46 -10.72 -12.89
N TYR A 185 1.78 -11.90 -12.34
CA TYR A 185 2.79 -11.95 -11.29
C TYR A 185 4.17 -11.56 -11.81
N GLN A 186 4.52 -12.01 -13.01
CA GLN A 186 5.80 -11.59 -13.56
C GLN A 186 5.85 -10.08 -13.74
N TRP A 187 4.72 -9.45 -14.09
CA TRP A 187 4.69 -8.01 -14.19
C TRP A 187 4.86 -7.33 -12.84
N VAL A 188 4.38 -7.93 -11.75
CA VAL A 188 4.75 -7.45 -10.42
C VAL A 188 6.25 -7.53 -10.22
N GLU A 189 6.86 -8.68 -10.53
N GLU A 189 6.85 -8.68 -10.53
CA GLU A 189 8.28 -8.84 -10.30
CA GLU A 189 8.28 -8.86 -10.32
C GLU A 189 9.10 -7.84 -11.12
C GLU A 189 9.09 -7.84 -11.11
N GLU A 190 8.65 -7.54 -12.34
CA GLU A 190 9.34 -6.62 -13.24
C GLU A 190 9.02 -5.15 -12.98
N GLY A 191 8.06 -4.85 -12.12
CA GLY A 191 7.72 -3.48 -11.82
C GLY A 191 6.70 -2.86 -12.75
N LYS A 192 6.15 -3.65 -13.68
CA LYS A 192 5.11 -3.16 -14.58
C LYS A 192 3.75 -3.02 -13.90
N ILE A 193 3.50 -3.77 -12.83
CA ILE A 193 2.38 -3.56 -11.91
C ILE A 193 3.02 -3.20 -10.59
N ASP A 194 2.74 -1.99 -10.08
CA ASP A 194 3.46 -1.47 -8.94
C ASP A 194 2.61 -0.57 -8.07
N ASN A 195 1.31 -0.79 -8.03
CA ASN A 195 0.43 -0.14 -7.07
C ASN A 195 0.12 -1.11 -5.95
N ALA A 196 0.06 -0.62 -4.70
CA ALA A 196 0.01 -1.51 -3.54
C ALA A 196 -1.11 -2.54 -3.62
N ALA A 197 -2.33 -2.12 -4.01
CA ALA A 197 -3.44 -3.06 -3.95
C ALA A 197 -3.20 -4.25 -4.87
N SER A 198 -2.66 -3.99 -6.08
CA SER A 198 -2.41 -5.04 -7.05
C SER A 198 -1.24 -5.91 -6.64
N VAL A 199 -0.18 -5.29 -6.08
CA VAL A 199 0.96 -6.08 -5.62
C VAL A 199 0.54 -7.02 -4.52
N ILE A 200 -0.20 -6.50 -3.52
CA ILE A 200 -0.62 -7.33 -2.40
C ILE A 200 -1.53 -8.46 -2.89
N ALA A 201 -2.50 -8.13 -3.74
CA ALA A 201 -3.45 -9.14 -4.20
C ALA A 201 -2.77 -10.21 -5.04
N LEU A 202 -1.89 -9.80 -5.97
CA LEU A 202 -1.24 -10.77 -6.85
C LEU A 202 -0.17 -11.59 -6.11
N GLN A 203 0.53 -11.02 -5.12
CA GLN A 203 1.40 -11.85 -4.30
C GLN A 203 0.59 -12.86 -3.52
N TRP A 204 -0.54 -12.44 -2.95
CA TRP A 204 -1.41 -13.38 -2.26
C TRP A 204 -1.83 -14.48 -3.21
N LEU A 205 -2.24 -14.12 -4.43
CA LEU A 205 -2.68 -15.14 -5.37
C LEU A 205 -1.55 -16.11 -5.68
N GLN A 206 -0.32 -15.61 -5.82
CA GLN A 206 0.81 -16.50 -6.13
C GLN A 206 1.05 -17.50 -5.01
N LEU A 207 0.73 -17.12 -3.77
CA LEU A 207 0.86 -18.01 -2.61
C LEU A 207 -0.34 -18.92 -2.39
N HIS A 208 -1.50 -18.62 -2.96
CA HIS A 208 -2.72 -19.37 -2.65
C HIS A 208 -3.45 -19.95 -3.84
N TYR A 209 -2.97 -19.78 -5.07
CA TYR A 209 -3.81 -20.10 -6.23
C TYR A 209 -4.10 -21.58 -6.35
N HIS A 210 -3.17 -22.45 -5.97
N HIS A 210 -3.16 -22.45 -5.99
CA HIS A 210 -3.45 -23.87 -6.17
CA HIS A 210 -3.40 -23.88 -6.15
C HIS A 210 -4.63 -24.31 -5.33
C HIS A 210 -4.61 -24.31 -5.32
N ASN A 211 -4.65 -23.90 -4.05
CA ASN A 211 -5.78 -24.26 -3.20
C ASN A 211 -7.05 -23.55 -3.67
N LEU A 212 -6.94 -22.31 -4.14
CA LEU A 212 -8.12 -21.58 -4.56
C LEU A 212 -8.76 -22.20 -5.79
N ARG A 213 -7.94 -22.61 -6.77
CA ARG A 213 -8.50 -23.25 -7.96
C ARG A 213 -9.19 -24.55 -7.61
N ASN A 214 -8.59 -25.34 -6.71
CA ASN A 214 -9.24 -26.57 -6.26
C ASN A 214 -10.57 -26.26 -5.59
N GLU A 215 -10.61 -25.21 -4.77
CA GLU A 215 -11.83 -24.87 -4.04
C GLU A 215 -12.94 -24.45 -4.98
N TRP A 216 -12.62 -23.70 -6.03
CA TRP A 216 -13.63 -23.10 -6.89
C TRP A 216 -13.95 -23.89 -8.17
N THR A 217 -13.27 -24.99 -8.46
CA THR A 217 -13.65 -25.80 -9.62
C THR A 217 -14.20 -27.16 -9.21
N LYS A 218 -14.39 -27.40 -7.92
CA LYS A 218 -15.05 -28.61 -7.42
C LYS A 218 -16.38 -28.84 -8.15
N GLN B 15 -0.18 -7.16 -23.48
CA GLN B 15 0.54 -6.16 -24.26
C GLN B 15 0.85 -4.92 -23.42
N GLY B 16 0.12 -4.76 -22.31
CA GLY B 16 0.42 -3.72 -21.35
C GLY B 16 -0.41 -2.46 -21.53
N ILE B 17 0.06 -1.37 -20.91
CA ILE B 17 -0.70 -0.12 -20.92
C ILE B 17 -0.75 0.47 -22.32
N THR B 18 -1.70 1.39 -22.49
CA THR B 18 -2.10 1.90 -23.80
C THR B 18 -1.48 3.25 -24.14
N PHE B 19 -1.27 4.09 -23.14
CA PHE B 19 -0.90 5.47 -23.35
C PHE B 19 0.32 5.80 -22.51
N SER B 20 1.03 6.85 -22.93
CA SER B 20 2.28 7.31 -22.35
C SER B 20 2.16 8.78 -21.93
N LYS B 21 3.27 9.34 -21.46
CA LYS B 21 3.27 10.76 -21.12
C LYS B 21 3.06 11.65 -22.32
N ASN B 22 3.24 11.13 -23.54
CA ASN B 22 2.89 11.89 -24.73
C ASN B 22 1.39 12.19 -24.78
N ASP B 23 0.57 11.44 -24.03
CA ASP B 23 -0.88 11.42 -24.17
C ASP B 23 -1.59 12.17 -23.04
N VAL B 24 -0.86 12.87 -22.21
CA VAL B 24 -1.45 13.64 -21.10
C VAL B 24 -0.68 14.94 -20.98
N GLU B 25 -1.39 16.02 -20.68
CA GLU B 25 -0.77 17.31 -20.37
C GLU B 25 -1.29 17.75 -19.01
N ILE B 26 -0.38 18.02 -18.08
CA ILE B 26 -0.71 18.66 -16.81
C ILE B 26 -0.64 20.17 -17.07
N ILE B 27 -1.80 20.83 -17.02
CA ILE B 27 -1.92 22.25 -17.33
C ILE B 27 -1.34 23.11 -16.21
N ALA B 28 -1.60 22.73 -14.97
CA ALA B 28 -1.19 23.49 -13.81
C ALA B 28 -1.35 22.59 -12.60
N ARG B 29 -0.67 22.97 -11.52
CA ARG B 29 -0.90 22.39 -10.20
C ARG B 29 -1.11 23.51 -9.21
N GLU B 30 -2.10 23.41 -8.36
CA GLU B 30 -2.42 24.49 -7.44
C GLU B 30 -2.30 23.98 -6.01
N THR B 31 -1.51 24.67 -5.15
CA THR B 31 -1.32 24.23 -3.77
C THR B 31 -2.59 24.55 -3.00
N LEU B 32 -3.30 23.51 -2.59
CA LEU B 32 -4.52 23.66 -1.79
C LEU B 32 -4.20 23.82 -0.32
N TYR B 33 -3.14 23.16 0.14
CA TYR B 33 -2.69 23.24 1.52
C TYR B 33 -1.17 23.09 1.53
N ARG B 34 -0.50 23.93 2.31
CA ARG B 34 0.96 23.90 2.47
C ARG B 34 1.26 23.88 3.96
N GLY B 35 1.79 22.76 4.45
CA GLY B 35 2.17 22.64 5.84
C GLY B 35 3.38 21.74 5.94
N PHE B 36 3.36 20.77 6.86
CA PHE B 36 4.42 19.77 6.86
C PHE B 36 4.41 18.98 5.56
N PHE B 37 3.22 18.59 5.11
CA PHE B 37 2.94 18.00 3.81
C PHE B 37 2.15 19.01 2.98
N SER B 38 1.84 18.64 1.74
CA SER B 38 1.05 19.50 0.86
C SER B 38 -0.10 18.72 0.25
N LEU B 39 -1.13 19.45 -0.17
CA LEU B 39 -2.19 18.88 -0.98
C LEU B 39 -2.27 19.76 -2.20
N ASP B 40 -2.18 19.17 -3.39
CA ASP B 40 -2.14 19.91 -4.64
C ASP B 40 -3.32 19.51 -5.51
N LEU B 41 -3.85 20.47 -6.23
CA LEU B 41 -4.84 20.19 -7.28
C LEU B 41 -4.09 20.07 -8.60
N TYR B 42 -4.08 18.88 -9.19
CA TYR B 42 -3.56 18.70 -10.53
C TYR B 42 -4.69 18.99 -11.52
N ARG B 43 -4.41 19.83 -12.53
CA ARG B 43 -5.33 20.12 -13.63
CA ARG B 43 -5.33 20.12 -13.63
C ARG B 43 -4.71 19.56 -14.90
N PHE B 44 -5.45 18.71 -15.60
CA PHE B 44 -4.84 17.98 -16.71
C PHE B 44 -5.89 17.53 -17.71
N ARG B 45 -5.43 17.23 -18.92
CA ARG B 45 -6.23 16.56 -19.94
C ARG B 45 -5.49 15.31 -20.41
N HIS B 46 -6.24 14.35 -20.93
CA HIS B 46 -5.61 13.08 -21.32
C HIS B 46 -6.44 12.39 -22.38
N ARG B 47 -5.77 11.54 -23.17
CA ARG B 47 -6.46 10.76 -24.18
C ARG B 47 -7.37 9.74 -23.52
N LEU B 48 -8.45 9.44 -24.24
CA LEU B 48 -9.49 8.50 -23.84
C LEU B 48 -9.36 7.22 -24.66
N PHE B 49 -9.75 6.10 -24.05
CA PHE B 49 -9.67 4.84 -24.77
C PHE B 49 -10.53 4.83 -26.04
N ASN B 50 -11.63 5.60 -26.07
CA ASN B 50 -12.51 5.63 -27.24
C ASN B 50 -11.94 6.43 -28.41
N GLY B 51 -10.77 7.06 -28.27
CA GLY B 51 -10.13 7.79 -29.35
C GLY B 51 -10.13 9.30 -29.20
N GLY B 52 -10.86 9.85 -28.24
CA GLY B 52 -10.91 11.29 -28.06
C GLY B 52 -9.97 11.80 -26.98
N MET B 53 -10.11 13.10 -26.70
CA MET B 53 -9.41 13.77 -25.61
C MET B 53 -10.41 14.16 -24.52
N SER B 54 -10.02 13.98 -23.24
CA SER B 54 -10.84 14.44 -22.14
C SER B 54 -10.92 15.96 -22.14
N GLY B 55 -11.86 16.48 -21.36
CA GLY B 55 -11.84 17.87 -20.98
C GLY B 55 -10.81 18.06 -19.88
N GLU B 56 -10.85 19.24 -19.24
CA GLU B 56 -9.95 19.47 -18.10
C GLU B 56 -10.46 18.70 -16.90
N ILE B 57 -9.61 17.83 -16.36
CA ILE B 57 -9.90 17.06 -15.17
C ILE B 57 -9.09 17.68 -14.04
N THR B 58 -9.64 17.66 -12.83
CA THR B 58 -8.87 18.03 -11.65
C THR B 58 -8.91 16.89 -10.64
N ARG B 59 -7.79 16.71 -9.94
CA ARG B 59 -7.69 15.72 -8.87
C ARG B 59 -6.90 16.33 -7.71
N GLU B 60 -7.38 16.09 -6.48
CA GLU B 60 -6.65 16.45 -5.27
C GLU B 60 -5.65 15.35 -4.93
N ILE B 61 -4.38 15.73 -4.78
CA ILE B 61 -3.29 14.76 -4.58
C ILE B 61 -2.48 15.14 -3.34
N PHE B 62 -2.35 14.19 -2.41
CA PHE B 62 -1.55 14.34 -1.19
C PHE B 62 -0.10 14.11 -1.54
N GLU B 63 0.72 15.16 -1.32
CA GLU B 63 2.14 15.18 -1.62
C GLU B 63 2.92 15.15 -0.31
N ARG B 64 3.58 14.04 -0.05
CA ARG B 64 4.29 13.85 1.20
C ARG B 64 5.67 13.25 0.97
N GLY B 65 6.21 13.39 -0.22
CA GLY B 65 7.48 12.79 -0.53
C GLY B 65 7.38 11.29 -0.71
N HIS B 66 8.56 10.67 -0.72
CA HIS B 66 8.74 9.25 -1.02
C HIS B 66 9.61 8.62 0.06
N ALA B 67 9.52 7.29 0.18
CA ALA B 67 10.11 6.57 1.30
C ALA B 67 11.01 5.42 0.86
N ALA B 68 11.92 5.07 1.76
CA ALA B 68 12.74 3.87 1.68
C ALA B 68 12.27 2.96 2.80
N VAL B 69 12.14 1.68 2.50
CA VAL B 69 11.67 0.66 3.43
C VAL B 69 12.71 -0.46 3.46
N LEU B 70 13.02 -0.94 4.67
CA LEU B 70 13.98 -2.03 4.85
C LEU B 70 13.30 -3.21 5.53
N LEU B 71 13.32 -4.38 4.88
CA LEU B 71 12.99 -5.65 5.53
C LEU B 71 14.28 -6.20 6.12
N PRO B 72 14.45 -6.19 7.45
CA PRO B 72 15.70 -6.71 8.03
C PRO B 72 15.56 -8.20 8.25
N PHE B 73 16.30 -8.99 7.48
CA PHE B 73 16.18 -10.44 7.45
C PHE B 73 17.51 -11.05 7.83
N ASP B 74 17.47 -11.98 8.79
CA ASP B 74 18.65 -12.73 9.19
C ASP B 74 18.57 -14.07 8.48
N PRO B 75 19.40 -14.30 7.45
CA PRO B 75 19.28 -15.55 6.69
C PRO B 75 19.86 -16.77 7.40
N VAL B 76 20.75 -16.56 8.37
CA VAL B 76 21.27 -17.68 9.14
C VAL B 76 20.20 -18.23 10.07
N ARG B 77 19.52 -17.34 10.79
CA ARG B 77 18.52 -17.71 11.77
C ARG B 77 17.11 -17.80 11.20
N ASP B 78 16.88 -17.34 9.97
CA ASP B 78 15.54 -17.28 9.39
C ASP B 78 14.60 -16.45 10.25
N GLU B 79 15.07 -15.26 10.63
CA GLU B 79 14.35 -14.35 11.50
C GLU B 79 14.18 -13.00 10.84
N VAL B 80 13.11 -12.32 11.25
CA VAL B 80 12.73 -10.98 10.78
C VAL B 80 12.70 -10.04 11.98
N VAL B 81 13.21 -8.82 11.78
CA VAL B 81 13.12 -7.76 12.77
C VAL B 81 11.97 -6.85 12.41
N LEU B 82 11.06 -6.64 13.34
CA LEU B 82 9.93 -5.72 13.22
C LEU B 82 10.14 -4.55 14.18
N VAL B 83 9.57 -3.39 13.83
CA VAL B 83 9.55 -2.25 14.73
C VAL B 83 8.10 -1.88 15.06
N GLU B 84 7.85 -1.54 16.32
CA GLU B 84 6.53 -1.18 16.81
C GLU B 84 6.53 0.30 17.19
N GLN B 85 5.52 1.03 16.72
CA GLN B 85 5.36 2.44 17.09
C GLN B 85 3.93 2.83 16.82
N ILE B 86 3.50 3.91 17.48
CA ILE B 86 2.16 4.43 17.27
C ILE B 86 2.06 5.11 15.91
N ARG B 87 0.96 4.84 15.22
CA ARG B 87 0.58 5.54 13.99
C ARG B 87 -0.83 6.03 14.23
N ILE B 88 -0.97 7.32 14.57
CA ILE B 88 -2.27 7.81 15.00
C ILE B 88 -3.33 7.65 13.90
N ALA B 89 -2.92 7.72 12.62
CA ALA B 89 -3.88 7.59 11.53
C ALA B 89 -4.54 6.21 11.50
N ALA B 90 -3.93 5.20 12.12
CA ALA B 90 -4.54 3.88 12.18
C ALA B 90 -5.69 3.80 13.16
N TYR B 91 -5.86 4.81 14.02
CA TYR B 91 -6.74 4.69 15.18
C TYR B 91 -8.18 4.31 14.80
N ASP B 92 -8.76 5.01 13.82
CA ASP B 92 -10.18 4.88 13.56
C ASP B 92 -10.58 3.51 12.99
N THR B 93 -9.66 2.73 12.42
CA THR B 93 -10.04 1.49 11.75
C THR B 93 -9.30 0.28 12.31
N SER B 94 -8.56 0.44 13.40
CA SER B 94 -7.72 -0.62 13.96
C SER B 94 -8.02 -0.80 15.43
N GLU B 95 -7.66 -1.98 15.95
CA GLU B 95 -7.88 -2.22 17.38
C GLU B 95 -6.94 -1.39 18.23
N SER B 96 -5.73 -1.16 17.77
CA SER B 96 -4.77 -0.29 18.42
C SER B 96 -4.01 0.50 17.36
N PRO B 97 -3.64 1.75 17.66
CA PRO B 97 -2.81 2.50 16.73
C PRO B 97 -1.33 2.14 16.75
N TRP B 98 -0.88 1.31 17.69
CA TRP B 98 0.50 0.81 17.66
C TRP B 98 0.58 -0.31 16.63
N LEU B 99 1.46 -0.15 15.64
CA LEU B 99 1.60 -1.08 14.53
C LEU B 99 2.97 -1.74 14.55
N LEU B 100 3.03 -2.95 14.01
CA LEU B 100 4.27 -3.67 13.74
C LEU B 100 4.64 -3.45 12.27
N GLU B 101 5.82 -2.88 12.03
N GLU B 101 5.82 -2.89 12.03
CA GLU B 101 6.19 -2.37 10.72
CA GLU B 101 6.19 -2.37 10.72
C GLU B 101 7.63 -2.71 10.36
C GLU B 101 7.64 -2.66 10.37
N MET B 102 7.97 -2.36 9.12
CA MET B 102 9.33 -2.39 8.62
C MET B 102 10.03 -1.09 8.97
N VAL B 103 11.34 -1.17 9.14
CA VAL B 103 12.17 0.02 9.21
C VAL B 103 11.90 0.86 7.96
N ALA B 104 11.72 2.17 8.14
CA ALA B 104 11.39 2.98 6.96
C ALA B 104 11.54 4.46 7.29
N GLY B 105 11.80 5.27 6.26
CA GLY B 105 11.86 6.71 6.42
C GLY B 105 11.79 7.43 5.10
N MET B 106 11.59 8.75 5.18
CA MET B 106 11.48 9.58 3.99
C MET B 106 12.85 9.83 3.38
N ILE B 107 12.86 9.88 2.04
CA ILE B 107 14.07 10.15 1.27
C ILE B 107 14.12 11.65 1.01
N GLU B 108 15.21 12.29 1.41
CA GLU B 108 15.42 13.71 1.20
C GLU B 108 16.20 13.90 -0.09
N ALA B 109 16.18 15.13 -0.61
CA ALA B 109 16.88 15.45 -1.84
C ALA B 109 18.34 15.04 -1.76
N GLY B 110 18.82 14.36 -2.80
CA GLY B 110 20.21 13.98 -2.88
C GLY B 110 20.57 12.69 -2.18
N GLU B 111 19.62 12.01 -1.55
CA GLU B 111 19.87 10.78 -0.83
C GLU B 111 19.47 9.57 -1.66
N THR B 112 20.14 8.46 -1.42
CA THR B 112 19.77 7.19 -2.04
C THR B 112 18.85 6.38 -1.14
N VAL B 113 18.07 5.50 -1.77
CA VAL B 113 17.18 4.61 -1.01
C VAL B 113 17.98 3.84 0.03
N GLU B 114 19.14 3.34 -0.37
CA GLU B 114 19.90 2.45 0.48
C GLU B 114 20.54 3.22 1.63
N ASP B 115 20.96 4.46 1.40
CA ASP B 115 21.49 5.26 2.50
C ASP B 115 20.41 5.56 3.55
N VAL B 116 19.19 5.84 3.11
CA VAL B 116 18.11 6.08 4.05
C VAL B 116 17.79 4.79 4.81
N ALA B 117 17.70 3.67 4.11
CA ALA B 117 17.43 2.41 4.78
C ALA B 117 18.45 2.12 5.88
N ARG B 118 19.74 2.34 5.59
CA ARG B 118 20.76 2.06 6.60
CA ARG B 118 20.75 2.05 6.60
C ARG B 118 20.65 3.01 7.78
N ARG B 119 20.43 4.30 7.52
CA ARG B 119 20.31 5.25 8.62
C ARG B 119 19.12 4.90 9.50
N GLU B 120 17.98 4.58 8.88
CA GLU B 120 16.81 4.24 9.66
C GLU B 120 17.00 2.93 10.42
N ALA B 121 17.70 1.96 9.83
CA ALA B 121 17.92 0.70 10.55
C ALA B 121 18.70 0.96 11.84
N LEU B 122 19.66 1.89 11.81
CA LEU B 122 20.43 2.20 13.01
C LEU B 122 19.57 2.99 14.00
N GLU B 123 18.83 3.99 13.52
CA GLU B 123 18.08 4.86 14.42
C GLU B 123 16.87 4.15 15.00
N GLU B 124 16.23 3.29 14.23
CA GLU B 124 14.98 2.68 14.64
C GLU B 124 15.16 1.31 15.28
N ALA B 125 16.24 0.60 14.98
CA ALA B 125 16.41 -0.74 15.53
C ALA B 125 17.81 -1.03 16.00
N GLY B 126 18.72 -0.05 15.97
CA GLY B 126 20.08 -0.29 16.40
C GLY B 126 20.83 -1.28 15.56
N LEU B 127 20.47 -1.41 14.28
CA LEU B 127 20.96 -2.48 13.43
C LEU B 127 21.95 -1.99 12.40
N GLU B 128 23.05 -2.73 12.26
CA GLU B 128 23.91 -2.65 11.10
C GLU B 128 23.37 -3.60 10.04
N VAL B 129 23.59 -3.23 8.78
CA VAL B 129 23.06 -3.96 7.63
C VAL B 129 24.23 -4.40 6.76
N GLY B 130 24.16 -5.64 6.32
CA GLY B 130 25.17 -6.18 5.43
C GLY B 130 24.80 -6.04 3.97
N ARG B 131 24.65 -7.17 3.28
CA ARG B 131 24.24 -7.15 1.89
C ARG B 131 22.79 -6.69 1.79
N THR B 132 22.44 -6.17 0.60
CA THR B 132 21.07 -5.76 0.34
C THR B 132 20.66 -6.18 -1.07
N LYS B 133 19.36 -6.33 -1.27
CA LYS B 133 18.77 -6.57 -2.58
C LYS B 133 17.47 -5.78 -2.66
N PRO B 134 17.10 -5.27 -3.82
CA PRO B 134 15.77 -4.69 -3.98
C PRO B 134 14.69 -5.75 -3.90
N ILE B 135 13.58 -5.38 -3.29
CA ILE B 135 12.36 -6.17 -3.33
C ILE B 135 11.50 -5.61 -4.46
N LEU B 136 10.86 -4.47 -4.20
CA LEU B 136 9.87 -3.86 -5.08
C LEU B 136 9.74 -2.39 -4.69
N SER B 137 9.37 -1.57 -5.66
CA SER B 137 9.01 -0.18 -5.42
C SER B 137 7.56 0.03 -5.84
N TYR B 138 6.74 0.57 -4.94
CA TYR B 138 5.30 0.64 -5.18
C TYR B 138 4.71 2.00 -4.83
N LEU B 139 3.59 2.29 -5.48
CA LEU B 139 2.76 3.45 -5.18
C LEU B 139 1.76 3.07 -4.09
N ALA B 140 1.78 3.80 -2.96
CA ALA B 140 0.93 3.44 -1.83
C ALA B 140 -0.56 3.45 -2.17
N SER B 141 -1.02 4.48 -2.88
CA SER B 141 -2.46 4.66 -3.12
C SER B 141 -2.62 5.73 -4.18
N PRO B 142 -2.35 5.39 -5.44
CA PRO B 142 -2.10 6.40 -6.47
C PRO B 142 -3.34 7.14 -6.97
N GLY B 143 -4.53 6.80 -6.50
CA GLY B 143 -5.69 7.63 -6.81
C GLY B 143 -5.70 8.95 -6.07
N GLY B 144 -5.01 9.02 -4.93
CA GLY B 144 -5.04 10.21 -4.10
C GLY B 144 -3.72 10.69 -3.55
N THR B 145 -2.62 9.95 -3.70
CA THR B 145 -1.32 10.37 -3.21
C THR B 145 -0.24 9.95 -4.19
N SER B 146 0.80 10.78 -4.32
CA SER B 146 1.92 10.45 -5.18
C SER B 146 2.92 9.50 -4.55
N GLU B 147 2.77 9.17 -3.27
CA GLU B 147 3.85 8.51 -2.53
C GLU B 147 4.27 7.20 -3.16
N ARG B 148 5.57 7.09 -3.38
CA ARG B 148 6.20 5.84 -3.78
C ARG B 148 7.13 5.40 -2.67
N LEU B 149 7.16 4.09 -2.39
CA LEU B 149 8.00 3.50 -1.37
C LEU B 149 8.85 2.41 -2.01
N SER B 150 10.15 2.46 -1.80
CA SER B 150 11.07 1.51 -2.39
C SER B 150 11.60 0.59 -1.30
N ILE B 151 11.32 -0.70 -1.44
CA ILE B 151 11.63 -1.70 -0.42
C ILE B 151 12.92 -2.44 -0.80
N LEU B 152 13.81 -2.60 0.18
CA LEU B 152 15.02 -3.40 0.10
C LEU B 152 14.93 -4.48 1.17
N VAL B 153 15.51 -5.62 0.90
CA VAL B 153 15.82 -6.59 1.96
C VAL B 153 17.27 -6.39 2.37
N GLY B 154 17.51 -6.33 3.67
CA GLY B 154 18.85 -6.17 4.19
C GLY B 154 19.26 -7.28 5.13
N GLU B 155 20.48 -7.77 4.93
CA GLU B 155 21.04 -8.84 5.74
C GLU B 155 21.40 -8.32 7.13
N VAL B 156 20.83 -8.92 8.17
CA VAL B 156 21.12 -8.52 9.54
C VAL B 156 21.38 -9.73 10.42
N ASP B 157 22.00 -9.45 11.57
CA ASP B 157 22.18 -10.43 12.66
C ASP B 157 21.07 -10.11 13.67
N ALA B 158 19.99 -10.90 13.65
CA ALA B 158 18.84 -10.57 14.48
C ALA B 158 19.15 -10.66 15.97
N SER B 159 20.23 -11.34 16.37
CA SER B 159 20.58 -11.38 17.78
C SER B 159 21.01 -10.01 18.31
N THR B 160 21.34 -9.08 17.41
CA THR B 160 21.74 -7.73 17.80
C THR B 160 20.57 -6.76 17.80
N ALA B 161 19.37 -7.22 17.46
CA ALA B 161 18.17 -6.39 17.36
C ALA B 161 17.35 -6.55 18.64
N LYS B 162 17.30 -5.48 19.46
CA LYS B 162 16.54 -5.54 20.69
C LYS B 162 16.45 -4.15 21.30
N GLY B 163 15.41 -3.92 22.07
CA GLY B 163 15.30 -2.74 22.88
C GLY B 163 14.45 -1.64 22.27
N ILE B 164 14.58 -0.47 22.88
CA ILE B 164 13.80 0.73 22.56
C ILE B 164 14.71 1.71 21.82
N HIS B 165 14.23 2.19 20.67
CA HIS B 165 14.99 3.04 19.79
C HIS B 165 14.09 4.19 19.33
N GLY B 166 14.45 4.80 18.21
CA GLY B 166 13.80 6.01 17.75
C GLY B 166 14.44 7.27 18.29
N LEU B 167 14.25 8.37 17.57
CA LEU B 167 14.81 9.68 17.97
C LEU B 167 13.79 10.42 18.84
N ALA B 168 14.07 10.49 20.14
CA ALA B 168 13.16 11.18 21.05
C ALA B 168 12.91 12.62 20.62
N GLU B 169 13.97 13.33 20.19
CA GLU B 169 13.82 14.72 19.78
C GLU B 169 12.80 14.88 18.67
N GLU B 170 12.48 13.83 17.92
CA GLU B 170 11.43 13.87 16.92
C GLU B 170 10.16 13.16 17.39
N ASN B 171 10.04 12.89 18.70
CA ASN B 171 8.89 12.19 19.24
C ASN B 171 8.72 10.82 18.60
N GLU B 172 9.84 10.13 18.41
CA GLU B 172 9.86 8.83 17.77
C GLU B 172 10.23 7.81 18.83
N ASP B 173 9.28 6.93 19.17
CA ASP B 173 9.43 5.95 20.24
C ASP B 173 9.13 4.58 19.62
N ILE B 174 10.15 3.71 19.56
CA ILE B 174 10.09 2.50 18.75
C ILE B 174 10.58 1.32 19.57
N ARG B 175 9.83 0.22 19.55
CA ARG B 175 10.22 -1.02 20.21
C ARG B 175 10.54 -2.10 19.19
N VAL B 176 11.69 -2.74 19.34
CA VAL B 176 12.09 -3.81 18.41
C VAL B 176 11.46 -5.13 18.83
N HIS B 177 10.99 -5.91 17.85
CA HIS B 177 10.52 -7.27 18.04
C HIS B 177 11.22 -8.15 17.02
N VAL B 178 11.67 -9.30 17.45
CA VAL B 178 12.26 -10.29 16.57
C VAL B 178 11.37 -11.52 16.57
N VAL B 179 11.03 -11.98 15.38
CA VAL B 179 10.20 -13.16 15.20
C VAL B 179 10.84 -14.04 14.13
N SER B 180 10.43 -15.29 14.07
CA SER B 180 10.84 -16.07 12.92
C SER B 180 10.10 -15.60 11.67
N ARG B 181 10.68 -15.90 10.51
CA ARG B 181 10.00 -15.57 9.25
C ARG B 181 8.60 -16.17 9.20
N GLU B 182 8.47 -17.45 9.52
CA GLU B 182 7.16 -18.08 9.47
C GLU B 182 6.18 -17.40 10.43
N GLN B 183 6.67 -17.01 11.61
CA GLN B 183 5.83 -16.31 12.56
C GLN B 183 5.37 -14.96 12.01
N ALA B 184 6.29 -14.18 11.42
CA ALA B 184 5.90 -12.91 10.81
C ALA B 184 4.84 -13.12 9.75
N TYR B 185 4.99 -14.14 8.91
CA TYR B 185 4.02 -14.33 7.84
C TYR B 185 2.67 -14.77 8.41
N GLN B 186 2.68 -15.62 9.44
CA GLN B 186 1.44 -15.95 10.11
C GLN B 186 0.75 -14.70 10.64
N TRP B 187 1.53 -13.76 11.20
CA TRP B 187 0.93 -12.52 11.67
C TRP B 187 0.31 -11.71 10.54
N VAL B 188 0.87 -11.76 9.33
CA VAL B 188 0.20 -11.16 8.17
C VAL B 188 -1.12 -11.86 7.88
N GLU B 189 -1.10 -13.19 7.83
CA GLU B 189 -2.33 -13.91 7.50
CA GLU B 189 -2.32 -13.95 7.53
C GLU B 189 -3.43 -13.62 8.51
N GLU B 190 -3.07 -13.47 9.78
CA GLU B 190 -4.02 -13.23 10.87
C GLU B 190 -4.46 -11.76 10.98
N GLY B 191 -3.84 -10.85 10.24
CA GLY B 191 -4.17 -9.46 10.33
C GLY B 191 -3.47 -8.71 11.44
N LYS B 192 -2.53 -9.34 12.15
CA LYS B 192 -1.76 -8.67 13.20
C LYS B 192 -0.71 -7.73 12.61
N ILE B 193 -0.26 -7.99 11.39
CA ILE B 193 0.53 -7.06 10.59
C ILE B 193 -0.33 -6.72 9.39
N ASP B 194 -0.68 -5.44 9.23
CA ASP B 194 -1.65 -5.05 8.20
C ASP B 194 -1.38 -3.67 7.63
N ASN B 195 -0.11 -3.29 7.51
CA ASN B 195 0.29 -2.09 6.79
C ASN B 195 0.95 -2.50 5.48
N ALA B 196 0.73 -1.73 4.42
CA ALA B 196 1.13 -2.15 3.08
C ALA B 196 2.61 -2.54 2.98
N ALA B 197 3.51 -1.73 3.52
CA ALA B 197 4.93 -1.99 3.33
C ALA B 197 5.31 -3.33 3.91
N SER B 198 4.78 -3.65 5.08
CA SER B 198 5.14 -4.90 5.74
C SER B 198 4.48 -6.10 5.06
N VAL B 199 3.22 -5.94 4.63
CA VAL B 199 2.54 -7.03 3.91
C VAL B 199 3.28 -7.34 2.63
N ILE B 200 3.63 -6.32 1.86
CA ILE B 200 4.34 -6.54 0.59
C ILE B 200 5.69 -7.21 0.83
N ALA B 201 6.44 -6.69 1.80
CA ALA B 201 7.77 -7.22 2.07
C ALA B 201 7.70 -8.66 2.52
N LEU B 202 6.77 -8.99 3.43
CA LEU B 202 6.73 -10.34 3.99
C LEU B 202 6.10 -11.34 3.04
N GLN B 203 5.15 -10.91 2.19
CA GLN B 203 4.71 -11.79 1.12
C GLN B 203 5.84 -12.06 0.14
N TRP B 204 6.62 -11.02 -0.21
CA TRP B 204 7.76 -11.24 -1.08
C TRP B 204 8.72 -12.24 -0.43
N LEU B 205 9.00 -12.05 0.86
CA LEU B 205 9.92 -12.97 1.53
C LEU B 205 9.41 -14.41 1.50
N GLN B 206 8.10 -14.61 1.69
CA GLN B 206 7.58 -15.97 1.64
C GLN B 206 7.76 -16.57 0.25
N LEU B 207 7.75 -15.74 -0.81
CA LEU B 207 7.93 -16.21 -2.17
C LEU B 207 9.40 -16.36 -2.58
N HIS B 208 10.35 -15.77 -1.83
CA HIS B 208 11.73 -15.76 -2.27
C HIS B 208 12.74 -16.26 -1.25
N TYR B 209 12.31 -16.70 -0.06
CA TYR B 209 13.26 -16.96 1.01
C TYR B 209 14.23 -18.09 0.69
N HIS B 210 13.77 -19.13 -0.01
CA HIS B 210 14.66 -20.27 -0.27
C HIS B 210 15.88 -19.83 -1.04
N ASN B 211 15.67 -19.07 -2.12
CA ASN B 211 16.80 -18.62 -2.93
C ASN B 211 17.63 -17.59 -2.19
N LEU B 212 16.98 -16.72 -1.42
CA LEU B 212 17.71 -15.67 -0.71
C LEU B 212 18.60 -16.26 0.36
N ARG B 213 18.07 -17.19 1.14
CA ARG B 213 18.90 -17.85 2.16
C ARG B 213 20.08 -18.57 1.51
N ASN B 214 19.85 -19.21 0.36
CA ASN B 214 20.96 -19.89 -0.31
C ASN B 214 22.01 -18.89 -0.77
N GLU B 215 21.56 -17.76 -1.34
CA GLU B 215 22.51 -16.75 -1.81
C GLU B 215 23.35 -16.19 -0.67
N TRP B 216 22.75 -15.98 0.49
CA TRP B 216 23.40 -15.29 1.60
C TRP B 216 24.04 -16.23 2.61
N THR B 217 23.93 -17.54 2.41
CA THR B 217 24.66 -18.48 3.25
C THR B 217 25.48 -19.38 2.32
N1 AR6 C . -9.50 14.05 -6.43
C2 AR6 C . -10.72 14.37 -6.82
N3 AR6 C . -11.69 13.56 -7.20
C4 AR6 C . -11.30 12.28 -7.14
C5 AR6 C . -10.05 11.80 -6.74
C6 AR6 C . -9.11 12.76 -6.38
N6 AR6 C . -7.88 12.45 -5.99
N7 AR6 C . -10.01 10.44 -6.81
C8 AR6 C . -11.20 10.10 -7.22
N9 AR6 C . -12.03 11.17 -7.43
PA AR6 C . -11.78 6.69 -8.86
PB AR6 C . -10.95 4.79 -7.01
C1' AR6 C . -13.39 11.16 -7.90
O1A AR6 C . -12.61 5.53 -9.30
O1B AR6 C . -12.37 5.01 -6.60
C1D AR6 C . -7.07 4.10 -5.75
O1D AR6 C . -5.72 3.80 -5.81
C2' AR6 C . -13.46 11.11 -9.43
O2' AR6 C . -14.46 11.97 -9.89
O2A AR6 C . -11.19 7.60 -9.90
O2B AR6 C . -10.61 3.53 -7.82
C2D AR6 C . -7.25 5.17 -4.66
O2D AR6 C . -5.99 5.71 -4.28
C3' AR6 C . -13.72 9.63 -9.71
O3' AR6 C . -14.60 9.50 -10.80
O3A AR6 C . -10.63 6.20 -7.79
C3D AR6 C . -7.94 4.35 -3.55
O3D AR6 C . -7.09 3.76 -2.65
C4' AR6 C . -14.43 9.15 -8.45
O4' AR6 C . -14.06 10.04 -7.40
C4D AR6 C . -8.71 3.27 -4.33
O4D AR6 C . -7.83 2.95 -5.41
C5' AR6 C . -14.08 7.71 -8.09
O5' AR6 C . -12.71 7.56 -7.79
C5D AR6 C . -10.07 3.75 -4.79
O5D AR6 C . -9.94 4.83 -5.69
P AMP D . -12.84 5.99 -6.26
O1P AMP D . -14.20 5.36 -6.05
O2P AMP D . -11.90 5.15 -7.08
O3P AMP D . -12.24 6.55 -4.98
O5' AMP D . -13.12 7.26 -7.18
C5' AMP D . -14.35 7.40 -7.87
C4' AMP D . -14.50 8.80 -8.41
O4' AMP D . -14.07 9.75 -7.41
C3' AMP D . -13.66 9.13 -9.64
O3' AMP D . -14.24 8.66 -10.85
C2' AMP D . -13.55 10.65 -9.56
O2' AMP D . -14.71 11.29 -10.06
C1' AMP D . -13.48 10.87 -8.05
N9 AMP D . -12.10 10.98 -7.58
C8 AMP D . -11.23 9.96 -7.42
N7 AMP D . -10.03 10.40 -6.99
C5 AMP D . -10.12 11.73 -6.89
C6 AMP D . -9.22 12.82 -6.48
N6 AMP D . -7.98 12.50 -6.13
N1 AMP D . -9.68 14.09 -6.50
C2 AMP D . -10.94 14.38 -6.88
N3 AMP D . -11.82 13.43 -7.25
C4 AMP D . -11.48 12.12 -7.27
MG MG E . -15.13 2.92 -10.04
MG MG F . -11.95 2.54 -9.14
N1 AR6 G . 2.69 14.94 10.25
C2 AR6 G . 3.68 15.62 10.81
N3 AR6 G . 4.92 15.22 11.02
C4 AR6 G . 5.14 13.97 10.61
C5 AR6 G . 4.19 13.15 10.00
C6 AR6 G . 2.91 13.69 9.83
N6 AR6 G . 1.92 12.99 9.25
N7 AR6 G . 4.72 11.94 9.69
C8 AR6 G . 5.96 12.00 10.09
N9 AR6 G . 6.28 13.21 10.65
PA AR6 G . 9.30 9.72 8.25
PB AR6 G . 8.03 7.36 8.90
C1' AR6 G . 7.58 13.57 11.20
O1A AR6 G . 8.12 9.71 7.33
O1B AR6 G . 8.52 5.96 9.22
C1D AR6 G . 6.47 3.33 6.68
O1D AR6 G . 6.36 2.47 5.61
C2' AR6 G . 7.75 13.06 12.63
O2' AR6 G . 7.91 14.14 13.50
O2A AR6 G . 10.70 9.97 7.74
O2B AR6 G . 6.84 8.01 9.54
C2D AR6 G . 5.26 4.27 6.80
O2D AR6 G . 4.52 4.36 5.62
C3' AR6 G . 8.97 12.12 12.63
O3' AR6 G . 9.94 12.63 13.51
O3A AR6 G . 9.29 8.38 9.15
C3D AR6 G . 5.95 5.60 7.05
O3D AR6 G . 5.20 6.73 6.71
C4' AR6 G . 9.52 12.22 11.22
O4' AR6 G . 8.60 12.99 10.44
C4D AR6 G . 7.21 5.45 6.17
O4D AR6 G . 7.61 4.12 6.45
C5' AR6 G . 9.75 10.85 10.59
O5' AR6 G . 8.93 10.80 9.44
C5D AR6 G . 8.33 6.36 6.52
O5D AR6 G . 7.82 7.43 7.28
P AMP H . 8.33 8.75 10.74
O1P AMP H . 6.91 8.53 10.28
O2P AMP H . 8.53 8.63 12.24
O3P AMP H . 9.38 8.06 9.92
O5' AMP H . 8.55 10.30 10.43
C5' AMP H . 9.73 10.99 10.81
C4' AMP H . 9.40 12.31 11.46
O4' AMP H . 8.67 13.15 10.51
C3' AMP H . 8.48 12.24 12.68
O3' AMP H . 9.18 11.91 13.87
C2' AMP H . 7.85 13.63 12.70
O2' AMP H . 8.75 14.60 13.23
C1' AMP H . 7.68 13.90 11.20
N9 AMP H . 6.36 13.46 10.72
C8 AMP H . 6.12 12.23 10.21
N7 AMP H . 4.82 12.07 9.86
C5 AMP H . 4.22 13.23 10.14
C6 AMP H . 2.85 13.71 9.99
N6 AMP H . 1.97 12.85 9.47
N1 AMP H . 2.56 14.97 10.38
C2 AMP H . 3.51 15.77 10.90
N3 AMP H . 4.79 15.38 11.06
C4 AMP H . 5.21 14.15 10.71
MG MG I . 10.16 5.20 10.39
MG MG J . 12.85 6.99 11.53
#